data_5FWH
#
_entry.id   5FWH
#
_cell.length_a   39.792
_cell.length_b   49.887
_cell.length_c   94.162
_cell.angle_alpha   90.00
_cell.angle_beta   90.00
_cell.angle_gamma   90.00
#
_symmetry.space_group_name_H-M   'P 21 21 21'
#
loop_
_entity.id
_entity.type
_entity.pdbx_description
1 polymer ESSC
2 water water
#
_entity_poly.entity_id   1
_entity_poly.type   'polypeptide(L)'
_entity_poly.pdbx_seq_one_letter_code
;(MSE)SQLWVLYETYCQLFSLTNEEKVIVIGNQLEHHVTVSSFSFRNGYIQIEKKSDGSTLAVLQGGRQIGELKPRCSIT
IDVDGQQ(MSE)TIAWSGEEQRKYVYYVGQQSEVLVSNDPQADIETTNARFSLRKHRGQWVVIPDDDAPLFLNGVQLSDA
VSLRNGDVLLCPY(MSE)QFVFIEEDLLAVTSSEEVVSSLTET(MSE)PPLS
;
_entity_poly.pdbx_strand_id   A
#
# COMPACT_ATOMS: atom_id res chain seq x y z
N SER A 2 2.91 10.81 4.74
CA SER A 2 3.73 10.73 3.55
C SER A 2 4.38 9.35 3.73
N GLN A 3 4.04 8.43 2.83
CA GLN A 3 4.57 7.13 3.00
C GLN A 3 5.24 6.64 1.72
N LEU A 4 6.31 5.88 1.92
CA LEU A 4 6.84 5.08 0.81
C LEU A 4 6.57 3.65 1.03
N TRP A 5 6.40 3.04 -0.09
CA TRP A 5 6.18 1.64 -0.19
C TRP A 5 7.42 1.11 -0.79
N VAL A 6 7.94 0.10 -0.16
CA VAL A 6 9.09 -0.65 -0.64
C VAL A 6 8.66 -2.13 -0.93
N LEU A 7 8.65 -2.44 -2.20
CA LEU A 7 8.25 -3.69 -2.73
C LEU A 7 9.47 -4.43 -3.27
N TYR A 8 9.55 -5.70 -2.89
CA TYR A 8 10.62 -6.60 -3.32
C TYR A 8 10.18 -8.04 -2.99
N GLU A 9 10.71 -9.04 -3.75
CA GLU A 9 10.28 -10.43 -3.65
C GLU A 9 8.75 -10.47 -3.49
N THR A 10 8.24 -11.02 -2.38
CA THR A 10 6.80 -11.15 -2.11
C THR A 10 6.36 -10.28 -0.90
N TYR A 11 7.11 -9.20 -0.64
CA TYR A 11 6.91 -8.34 0.51
C TYR A 11 6.63 -6.94 0.04
N CYS A 12 5.94 -6.18 0.91
CA CYS A 12 5.78 -4.77 0.74
C CYS A 12 5.97 -4.19 2.16
N GLN A 13 6.96 -3.33 2.34
CA GLN A 13 7.10 -2.55 3.60
C GLN A 13 6.62 -1.16 3.32
N LEU A 14 5.97 -0.55 4.32
CA LEU A 14 5.46 0.81 4.30
C LEU A 14 6.28 1.59 5.30
N PHE A 15 6.78 2.75 4.92
CA PHE A 15 7.61 3.57 5.80
C PHE A 15 7.16 5.02 5.74
N SER A 16 6.95 5.62 6.91
CA SER A 16 6.49 7.00 7.04
C SER A 16 7.63 8.03 7.02
N LEU A 17 7.43 9.11 6.28
CA LEU A 17 8.41 10.18 6.09
C LEU A 17 8.24 11.40 6.99
N THR A 18 7.66 11.22 8.19
CA THR A 18 7.57 12.24 9.28
C THR A 18 8.00 13.68 8.93
N GLU A 21 12.27 13.16 9.47
CA GLU A 21 13.53 12.87 8.82
C GLU A 21 13.64 13.73 7.55
N LYS A 22 14.75 13.61 6.80
CA LYS A 22 15.05 14.45 5.61
C LYS A 22 15.84 13.73 4.45
N VAL A 23 16.79 12.85 4.82
CA VAL A 23 17.47 11.95 3.89
C VAL A 23 17.50 10.53 4.48
N ILE A 24 16.76 9.59 3.87
CA ILE A 24 16.62 8.26 4.41
C ILE A 24 17.27 7.29 3.49
N VAL A 25 17.58 6.12 4.03
CA VAL A 25 18.35 5.13 3.32
C VAL A 25 17.71 3.75 3.52
N ILE A 26 17.63 3.08 2.37
CA ILE A 26 17.15 1.75 2.27
C ILE A 26 18.36 0.98 1.95
N GLY A 27 18.61 -0.01 2.78
CA GLY A 27 19.76 -0.87 2.72
C GLY A 27 19.51 -2.15 3.45
N ASN A 28 20.58 -2.89 3.76
CA ASN A 28 20.52 -4.24 4.40
C ASN A 28 21.06 -4.40 5.84
N GLN A 29 21.36 -3.29 6.47
CA GLN A 29 21.70 -3.21 7.90
C GLN A 29 20.47 -2.91 8.72
N LEU A 30 20.48 -3.30 9.99
CA LEU A 30 19.38 -2.96 10.93
C LEU A 30 19.29 -1.46 11.26
N GLU A 31 20.41 -0.74 11.14
CA GLU A 31 20.45 0.73 11.39
C GLU A 31 19.69 1.56 10.36
N HIS A 32 19.68 1.12 9.10
CA HIS A 32 19.01 1.86 8.03
C HIS A 32 17.56 2.11 8.33
N HIS A 33 17.00 3.09 7.64
CA HIS A 33 15.62 3.40 7.82
C HIS A 33 14.74 2.25 7.39
N VAL A 34 15.01 1.69 6.21
CA VAL A 34 14.23 0.53 5.76
C VAL A 34 15.25 -0.57 5.45
N THR A 35 15.10 -1.73 6.10
CA THR A 35 16.06 -2.87 6.11
C THR A 35 15.54 -3.98 5.21
N VAL A 36 16.14 -4.15 4.02
CA VAL A 36 15.97 -5.33 3.19
C VAL A 36 17.23 -6.19 3.30
N SER A 37 17.16 -7.23 4.11
CA SER A 37 18.36 -8.02 4.42
C SER A 37 18.71 -9.03 3.36
N SER A 38 17.72 -9.41 2.55
CA SER A 38 17.95 -10.40 1.52
C SER A 38 18.71 -9.86 0.30
N PHE A 39 18.84 -8.52 0.14
CA PHE A 39 19.60 -7.88 -0.94
C PHE A 39 21.05 -7.49 -0.52
N SER A 40 21.95 -7.47 -1.51
CA SER A 40 23.39 -7.10 -1.45
C SER A 40 23.70 -5.58 -1.36
N PHE A 41 22.98 -4.82 -2.20
CA PHE A 41 23.21 -3.41 -2.45
C PHE A 41 24.67 -3.16 -2.91
N ARG A 42 25.16 -4.02 -3.80
CA ARG A 42 26.48 -3.85 -4.36
C ARG A 42 26.58 -2.63 -5.28
N ASN A 43 25.50 -2.23 -5.93
CA ASN A 43 25.50 -0.86 -6.53
C ASN A 43 24.95 0.24 -5.55
N GLY A 44 25.34 0.21 -4.27
CA GLY A 44 24.94 1.31 -3.39
C GLY A 44 23.65 1.03 -2.66
N TYR A 45 23.49 1.60 -1.47
CA TYR A 45 22.24 1.62 -0.81
C TYR A 45 21.36 2.60 -1.63
N ILE A 46 20.07 2.67 -1.30
CA ILE A 46 19.18 3.59 -1.92
C ILE A 46 18.95 4.68 -1.00
N GLN A 47 19.18 5.90 -1.50
CA GLN A 47 18.94 7.11 -0.73
C GLN A 47 17.72 7.79 -1.30
N ILE A 48 16.84 8.17 -0.42
CA ILE A 48 15.68 8.98 -0.73
C ILE A 48 15.79 10.26 0.07
N GLU A 49 15.76 11.41 -0.58
CA GLU A 49 15.76 12.68 0.10
C GLU A 49 14.63 13.60 -0.37
N LYS A 50 14.11 14.41 0.56
CA LYS A 50 13.03 15.34 0.24
C LYS A 50 13.62 16.63 -0.33
N LYS A 51 12.87 17.31 -1.20
CA LYS A 51 13.38 18.51 -1.88
C LYS A 51 12.90 19.88 -1.30
N SER A 52 11.65 19.98 -0.90
CA SER A 52 11.02 21.29 -0.58
C SER A 52 11.12 22.30 -1.72
N SER A 55 7.91 19.07 -2.54
CA SER A 55 7.15 18.66 -3.72
C SER A 55 7.55 17.26 -4.25
N THR A 56 8.85 16.97 -4.35
CA THR A 56 9.29 15.68 -4.89
C THR A 56 10.38 15.01 -4.06
N LEU A 57 10.61 13.71 -4.29
CA LEU A 57 11.68 12.97 -3.62
C LEU A 57 12.77 12.69 -4.60
N ALA A 58 14.01 12.92 -4.18
CA ALA A 58 15.13 12.62 -5.04
C ALA A 58 15.53 11.19 -4.65
N VAL A 59 15.75 10.38 -5.67
CA VAL A 59 16.15 9.01 -5.54
C VAL A 59 17.57 8.94 -6.06
N LEU A 60 18.45 8.51 -5.19
CA LEU A 60 19.86 8.31 -5.54
C LEU A 60 20.26 6.83 -5.24
N GLN A 61 21.15 6.27 -6.00
CA GLN A 61 21.54 4.89 -5.70
C GLN A 61 23.02 4.78 -5.29
N GLY A 62 23.93 5.49 -5.93
CA GLY A 62 25.30 5.57 -5.35
C GLY A 62 25.70 6.95 -4.87
N GLY A 63 24.75 7.68 -4.29
CA GLY A 63 24.95 9.10 -4.14
C GLY A 63 24.71 9.84 -5.45
N ARG A 64 24.37 9.10 -6.51
CA ARG A 64 23.95 9.70 -7.74
C ARG A 64 22.47 9.43 -8.01
N GLN A 65 21.86 10.44 -8.60
CA GLN A 65 20.44 10.46 -8.87
C GLN A 65 20.05 9.50 -10.01
N ILE A 66 19.02 8.71 -9.78
CA ILE A 66 18.49 7.81 -10.78
C ILE A 66 17.03 8.13 -11.03
N GLY A 67 16.47 9.09 -10.30
CA GLY A 67 15.08 9.49 -10.51
C GLY A 67 14.59 10.54 -9.53
N GLU A 68 13.37 10.96 -9.75
CA GLU A 68 12.68 11.76 -8.79
C GLU A 68 11.30 11.20 -8.74
N LEU A 69 10.70 11.15 -7.56
CA LEU A 69 9.39 10.67 -7.42
C LEU A 69 8.47 11.83 -7.09
N LYS A 70 7.41 11.93 -7.86
CA LYS A 70 6.33 12.84 -7.58
C LYS A 70 5.29 12.06 -6.82
N PRO A 71 4.35 12.77 -6.21
CA PRO A 71 3.27 12.09 -5.55
C PRO A 71 2.58 11.04 -6.45
N ARG A 72 2.28 9.89 -5.85
CA ARG A 72 1.61 8.77 -6.48
C ARG A 72 2.37 8.20 -7.68
N CYS A 73 3.68 8.30 -7.66
CA CYS A 73 4.54 7.75 -8.70
C CYS A 73 5.52 6.74 -8.05
N SER A 74 6.12 5.92 -8.84
CA SER A 74 6.97 4.84 -8.35
C SER A 74 8.15 4.75 -9.23
N ILE A 75 9.16 4.03 -8.74
CA ILE A 75 10.32 3.71 -9.53
C ILE A 75 10.81 2.28 -9.27
N THR A 76 11.27 1.67 -10.34
CA THR A 76 11.73 0.30 -10.24
C THR A 76 13.23 0.34 -10.49
N ILE A 77 13.97 -0.51 -9.81
CA ILE A 77 15.41 -0.33 -9.67
C ILE A 77 16.03 -1.68 -9.52
N ASP A 78 17.17 -1.87 -10.20
CA ASP A 78 17.98 -3.11 -10.14
C ASP A 78 19.03 -3.14 -9.02
N VAL A 79 18.89 -4.12 -8.11
CA VAL A 79 19.87 -4.43 -7.05
C VAL A 79 20.03 -5.93 -6.99
N GLN A 83 15.99 -6.25 -8.17
CA GLN A 83 14.59 -5.95 -8.51
C GLN A 83 13.75 -5.48 -7.32
N THR A 85 10.73 -2.16 -6.16
CA THR A 85 9.98 -0.92 -6.52
C THR A 85 9.76 -0.03 -5.27
N ILE A 86 9.98 1.27 -5.48
CA ILE A 86 9.63 2.29 -4.45
C ILE A 86 8.57 3.18 -5.02
N ALA A 87 7.57 3.46 -4.19
CA ALA A 87 6.48 4.27 -4.63
C ALA A 87 6.25 5.27 -3.51
N TRP A 88 5.74 6.44 -3.89
CA TRP A 88 5.50 7.47 -2.95
C TRP A 88 4.07 7.90 -3.09
N SER A 89 3.42 8.08 -1.95
CA SER A 89 2.04 8.55 -1.82
C SER A 89 1.86 10.04 -2.05
N GLY A 90 2.90 10.81 -1.86
CA GLY A 90 2.77 12.24 -1.84
C GLY A 90 2.46 12.68 -0.43
N GLU A 91 2.42 13.99 -0.24
CA GLU A 91 2.44 14.53 1.10
C GLU A 91 1.10 14.38 1.85
N GLU A 92 0.01 13.96 1.17
CA GLU A 92 -1.31 14.03 1.74
C GLU A 92 -2.14 12.78 1.43
N GLN A 93 -2.89 12.35 2.42
CA GLN A 93 -3.66 11.11 2.34
C GLN A 93 -4.90 11.25 3.16
N ARG A 94 -6.02 10.71 2.62
CA ARG A 94 -7.34 10.73 3.29
C ARG A 94 -8.03 9.38 3.53
N LYS A 95 -8.94 9.43 4.51
CA LYS A 95 -9.48 8.28 5.22
C LYS A 95 -11.01 8.29 5.18
N TYR A 96 -11.56 7.23 4.60
CA TYR A 96 -12.96 7.06 4.43
C TYR A 96 -13.34 5.90 5.29
N VAL A 97 -14.50 5.91 5.90
CA VAL A 97 -14.94 4.74 6.65
C VAL A 97 -16.29 4.40 6.16
N TYR A 98 -16.47 3.16 5.79
CA TYR A 98 -17.74 2.66 5.30
C TYR A 98 -18.35 1.68 6.25
N TYR A 99 -19.67 1.76 6.35
CA TYR A 99 -20.50 0.81 7.09
C TYR A 99 -20.91 -0.30 6.13
N VAL A 100 -20.54 -1.54 6.46
CA VAL A 100 -20.77 -2.66 5.58
C VAL A 100 -21.44 -3.82 6.33
N GLY A 101 -22.07 -3.52 7.47
CA GLY A 101 -22.86 -4.47 8.23
C GLY A 101 -24.04 -5.12 7.50
N GLN A 102 -24.53 -4.50 6.45
CA GLN A 102 -25.55 -5.12 5.62
C GLN A 102 -25.01 -5.64 4.32
N GLN A 103 -23.70 -5.87 4.21
CA GLN A 103 -23.11 -6.45 3.00
C GLN A 103 -22.53 -7.82 3.32
N SER A 104 -22.68 -8.76 2.40
CA SER A 104 -21.92 -10.02 2.46
C SER A 104 -20.74 -10.08 1.45
N GLU A 105 -20.59 -9.04 0.60
CA GLU A 105 -19.54 -9.03 -0.44
C GLU A 105 -19.14 -7.61 -0.79
N VAL A 106 -17.83 -7.34 -0.90
CA VAL A 106 -17.27 -6.03 -1.35
C VAL A 106 -16.27 -6.32 -2.48
N LEU A 107 -16.52 -5.78 -3.68
CA LEU A 107 -15.62 -5.92 -4.80
C LEU A 107 -14.84 -4.67 -4.95
N VAL A 108 -13.54 -4.84 -5.11
CA VAL A 108 -12.59 -3.79 -5.25
C VAL A 108 -11.91 -4.07 -6.58
N SER A 109 -12.18 -3.22 -7.57
CA SER A 109 -11.58 -3.35 -8.90
C SER A 109 -11.95 -2.13 -9.74
N ASN A 110 -11.64 -2.22 -11.03
CA ASN A 110 -11.90 -1.14 -11.91
C ASN A 110 -13.13 -1.34 -12.70
N ASP A 111 -13.84 -2.45 -12.45
CA ASP A 111 -15.14 -2.68 -13.04
C ASP A 111 -16.17 -1.62 -12.65
N PRO A 112 -17.08 -1.29 -13.61
CA PRO A 112 -18.16 -0.33 -13.41
C PRO A 112 -19.00 -0.59 -12.21
N GLN A 113 -19.21 -1.87 -11.88
CA GLN A 113 -20.06 -2.25 -10.75
C GLN A 113 -19.33 -2.54 -9.43
N ALA A 114 -18.06 -2.11 -9.35
CA ALA A 114 -17.24 -2.25 -8.14
C ALA A 114 -17.83 -1.47 -7.00
N ASP A 115 -17.86 -2.07 -5.82
CA ASP A 115 -18.24 -1.32 -4.59
C ASP A 115 -17.20 -0.22 -4.25
N ILE A 116 -15.92 -0.49 -4.50
CA ILE A 116 -14.87 0.50 -4.37
C ILE A 116 -14.12 0.50 -5.68
N GLU A 117 -14.10 1.65 -6.34
CA GLU A 117 -13.48 1.77 -7.68
C GLU A 117 -12.05 2.27 -7.65
N THR A 118 -11.16 1.49 -8.25
CA THR A 118 -9.75 1.80 -8.27
C THR A 118 -9.07 1.04 -9.41
N THR A 119 -8.08 1.72 -9.98
CA THR A 119 -7.16 1.10 -10.92
C THR A 119 -5.93 0.57 -10.17
N ASN A 120 -5.94 0.63 -8.83
CA ASN A 120 -4.77 0.20 -8.00
C ASN A 120 -4.78 -1.22 -7.46
N ALA A 121 -5.94 -1.88 -7.43
CA ALA A 121 -6.12 -3.14 -6.72
C ALA A 121 -7.24 -3.88 -7.38
N ARG A 122 -7.26 -5.18 -7.23
CA ARG A 122 -8.37 -5.94 -7.66
C ARG A 122 -8.50 -7.12 -6.72
N PHE A 123 -9.60 -7.20 -5.98
CA PHE A 123 -9.77 -8.31 -5.04
C PHE A 123 -11.18 -8.29 -4.55
N SER A 124 -11.68 -9.32 -3.91
CA SER A 124 -13.00 -9.20 -3.32
C SER A 124 -12.93 -9.52 -1.88
N LEU A 125 -13.88 -9.01 -1.12
CA LEU A 125 -14.04 -9.32 0.31
C LEU A 125 -15.38 -10.03 0.50
N ARG A 126 -15.39 -11.15 1.20
CA ARG A 126 -16.62 -11.88 1.43
C ARG A 126 -16.81 -12.31 2.84
N LYS A 127 -18.04 -12.14 3.28
CA LYS A 127 -18.39 -12.36 4.63
C LYS A 127 -18.99 -13.75 4.77
N HIS A 128 -18.43 -14.53 5.66
CA HIS A 128 -18.94 -15.88 5.96
C HIS A 128 -19.04 -15.97 7.48
N ARG A 129 -20.21 -16.33 7.99
CA ARG A 129 -20.44 -16.58 9.43
C ARG A 129 -19.79 -15.52 10.32
N GLY A 130 -19.95 -14.25 9.94
CA GLY A 130 -19.38 -13.15 10.70
C GLY A 130 -17.90 -12.86 10.46
N GLN A 131 -17.26 -13.55 9.53
CA GLN A 131 -15.84 -13.38 9.25
C GLN A 131 -15.63 -12.91 7.82
N TRP A 132 -14.83 -11.87 7.63
CA TRP A 132 -14.46 -11.48 6.28
C TRP A 132 -13.33 -12.32 5.74
N VAL A 133 -13.47 -12.76 4.50
CA VAL A 133 -12.40 -13.40 3.74
C VAL A 133 -11.94 -12.48 2.59
N VAL A 134 -10.64 -12.36 2.40
CA VAL A 134 -10.08 -11.70 1.24
C VAL A 134 -9.76 -12.74 0.15
N ILE A 135 -10.23 -12.50 -1.07
CA ILE A 135 -9.95 -13.37 -2.22
C ILE A 135 -9.22 -12.51 -3.23
N PRO A 136 -7.92 -12.71 -3.38
CA PRO A 136 -7.21 -11.86 -4.36
C PRO A 136 -7.35 -12.36 -5.79
N ASP A 137 -6.92 -11.52 -6.72
CA ASP A 137 -6.94 -11.88 -8.12
C ASP A 137 -5.51 -12.15 -8.61
N ASP A 138 -5.39 -13.01 -9.60
CA ASP A 138 -4.08 -13.50 -10.01
C ASP A 138 -3.22 -12.38 -10.53
N ASP A 139 -3.83 -11.50 -11.33
CA ASP A 139 -3.19 -10.26 -11.83
C ASP A 139 -2.69 -9.22 -10.78
N ALA A 140 -3.57 -8.64 -9.96
CA ALA A 140 -3.20 -7.50 -9.05
C ALA A 140 -2.44 -7.91 -7.74
N PRO A 141 -1.18 -7.46 -7.55
CA PRO A 141 -0.48 -7.84 -6.30
C PRO A 141 -1.02 -7.13 -5.07
N LEU A 142 -1.34 -7.93 -4.04
CA LEU A 142 -1.98 -7.48 -2.80
C LEU A 142 -1.29 -8.01 -1.55
N PHE A 143 -1.11 -7.19 -0.52
CA PHE A 143 -0.30 -7.64 0.63
C PHE A 143 -1.08 -7.64 1.93
N LEU A 144 -0.96 -8.72 2.68
CA LEU A 144 -1.63 -8.85 4.01
C LEU A 144 -0.58 -8.79 5.03
N ASN A 145 -0.57 -7.72 5.79
CA ASN A 145 0.49 -7.44 6.76
C ASN A 145 1.89 -7.51 6.11
N GLY A 146 2.06 -6.91 4.91
CA GLY A 146 3.37 -6.95 4.27
C GLY A 146 3.75 -8.15 3.41
N VAL A 147 2.92 -9.18 3.34
CA VAL A 147 3.23 -10.40 2.64
C VAL A 147 2.23 -10.69 1.50
N GLN A 148 2.75 -10.90 0.30
CA GLN A 148 1.85 -11.12 -0.84
C GLN A 148 0.90 -12.29 -0.64
N LEU A 149 -0.35 -12.15 -1.00
CA LEU A 149 -1.34 -13.21 -0.83
C LEU A 149 -1.30 -14.07 -2.06
N SER A 150 -1.27 -15.38 -1.90
CA SER A 150 -1.38 -16.28 -3.07
C SER A 150 -2.71 -17.02 -3.12
N ASP A 151 -3.52 -16.96 -2.08
CA ASP A 151 -4.87 -17.53 -2.10
C ASP A 151 -5.75 -16.80 -1.09
N ALA A 152 -7.02 -17.18 -1.02
CA ALA A 152 -7.98 -16.59 -0.08
C ALA A 152 -7.54 -16.83 1.35
N VAL A 153 -7.84 -15.87 2.22
CA VAL A 153 -7.42 -15.81 3.63
C VAL A 153 -8.51 -15.12 4.49
N SER A 154 -8.84 -15.74 5.61
CA SER A 154 -9.82 -15.22 6.50
C SER A 154 -9.13 -14.22 7.42
N LEU A 155 -9.72 -13.04 7.53
CA LEU A 155 -9.14 -11.88 8.15
C LEU A 155 -9.51 -11.76 9.61
N ARG A 156 -8.65 -11.15 10.42
CA ARG A 156 -8.93 -10.79 11.83
C ARG A 156 -8.88 -9.28 11.91
N ASN A 157 -9.45 -8.65 12.94
CA ASN A 157 -9.44 -7.15 13.07
C ASN A 157 -8.01 -6.61 13.16
N GLY A 158 -7.73 -5.53 12.41
CA GLY A 158 -6.37 -5.01 12.34
C GLY A 158 -5.36 -5.85 11.54
N ASP A 159 -5.81 -6.89 10.84
CA ASP A 159 -5.10 -7.22 9.61
C ASP A 159 -5.15 -5.93 8.77
N VAL A 160 -4.07 -5.71 7.99
CA VAL A 160 -3.94 -4.57 7.05
C VAL A 160 -3.76 -5.13 5.65
N LEU A 161 -4.61 -4.72 4.75
CA LEU A 161 -4.42 -5.01 3.34
C LEU A 161 -3.79 -3.82 2.67
N LEU A 162 -2.69 -4.04 1.91
CA LEU A 162 -1.99 -2.97 1.20
C LEU A 162 -1.82 -3.31 -0.26
N CYS A 163 -2.04 -2.34 -1.13
CA CYS A 163 -1.41 -2.34 -2.46
C CYS A 163 -0.78 -0.92 -2.68
N PRO A 164 0.11 -0.73 -3.67
CA PRO A 164 0.54 0.66 -3.96
C PRO A 164 -0.54 1.70 -3.94
N TYR A 165 -0.27 2.62 -3.01
CA TYR A 165 -1.06 3.83 -2.70
C TYR A 165 -2.33 3.65 -1.87
N GLN A 167 -4.68 1.59 1.58
CA GLN A 167 -4.79 0.63 2.70
C GLN A 167 -6.21 0.42 3.09
N PHE A 168 -6.54 -0.84 3.44
CA PHE A 168 -7.87 -1.28 3.84
C PHE A 168 -7.77 -1.95 5.17
N VAL A 169 -8.55 -1.49 6.16
CA VAL A 169 -8.51 -2.07 7.53
C VAL A 169 -9.94 -2.19 8.04
N PHE A 170 -10.36 -3.40 8.43
CA PHE A 170 -11.60 -3.54 9.16
C PHE A 170 -11.30 -3.01 10.60
N ILE A 171 -12.02 -1.98 10.97
CA ILE A 171 -11.95 -1.49 12.33
C ILE A 171 -12.70 -2.50 13.21
N GLU A 172 -13.90 -2.82 12.73
CA GLU A 172 -14.85 -3.78 13.29
C GLU A 172 -15.35 -4.59 12.11
N GLU A 173 -16.02 -5.68 12.45
CA GLU A 173 -16.73 -6.50 11.50
C GLU A 173 -17.62 -5.73 10.56
N ASP A 174 -18.18 -4.64 11.05
CA ASP A 174 -19.15 -3.86 10.25
C ASP A 174 -18.57 -2.55 9.63
N LEU A 175 -17.28 -2.25 9.85
CA LEU A 175 -16.67 -0.99 9.45
C LEU A 175 -15.32 -1.15 8.78
N LEU A 176 -15.23 -0.61 7.57
CA LEU A 176 -14.08 -0.77 6.70
C LEU A 176 -13.47 0.58 6.39
N ALA A 177 -12.21 0.77 6.80
CA ALA A 177 -11.53 2.01 6.57
C ALA A 177 -10.59 1.83 5.45
N VAL A 178 -10.66 2.78 4.54
CA VAL A 178 -9.83 2.84 3.36
C VAL A 178 -8.98 4.09 3.32
N THR A 179 -7.65 4.00 3.19
CA THR A 179 -6.83 5.22 3.15
C THR A 179 -6.15 5.23 1.81
N SER A 180 -6.04 6.42 1.24
CA SER A 180 -5.69 6.57 -0.15
C SER A 180 -5.15 7.96 -0.36
N SER A 181 -4.22 8.06 -1.27
CA SER A 181 -3.77 9.36 -1.75
C SER A 181 -4.73 10.00 -2.74
N GLU A 182 -5.73 9.30 -3.25
CA GLU A 182 -6.76 9.94 -4.09
C GLU A 182 -8.09 9.81 -3.39
N GLU A 183 -9.07 10.63 -3.80
CA GLU A 183 -10.45 10.40 -3.40
C GLU A 183 -10.89 8.96 -3.88
N VAL A 184 -11.56 8.28 -2.99
CA VAL A 184 -12.03 6.94 -3.25
C VAL A 184 -13.44 7.09 -3.80
N VAL A 185 -13.76 6.27 -4.80
CA VAL A 185 -15.08 6.22 -5.37
C VAL A 185 -15.72 4.95 -4.94
N SER A 186 -16.87 5.11 -4.27
CA SER A 186 -17.55 4.00 -3.64
C SER A 186 -19.05 4.10 -3.72
N SER A 187 -19.70 2.97 -3.92
CA SER A 187 -21.16 2.89 -3.73
C SER A 187 -21.53 2.48 -2.32
N LEU A 188 -20.58 2.40 -1.39
CA LEU A 188 -20.87 1.95 -0.01
C LEU A 188 -21.40 3.09 0.84
N THR A 189 -22.00 2.76 1.98
CA THR A 189 -22.42 3.76 3.01
C THR A 189 -21.31 4.42 3.81
N GLU A 190 -21.05 5.69 3.55
CA GLU A 190 -20.13 6.44 4.39
C GLU A 190 -20.70 6.60 5.80
N THR A 191 -19.89 6.38 6.82
CA THR A 191 -20.30 6.63 8.22
C THR A 191 -19.84 7.97 8.76
N PRO A 193 -18.03 12.12 7.15
CA PRO A 193 -17.26 12.87 6.15
C PRO A 193 -15.80 12.35 6.03
N PRO A 194 -15.22 12.34 4.84
CA PRO A 194 -13.84 11.81 4.72
C PRO A 194 -12.78 12.61 5.50
N LEU A 195 -11.79 11.93 6.11
CA LEU A 195 -10.69 12.60 6.83
C LEU A 195 -9.36 11.81 6.70
#